data_3RLW
#
_entry.id   3RLW
#
_cell.length_a   70.500
_cell.length_b   71.300
_cell.length_c   72.500
_cell.angle_alpha   90.00
_cell.angle_beta   100.60
_cell.angle_gamma   90.00
#
_symmetry.space_group_name_H-M   'C 1 2 1'
#
loop_
_entity.id
_entity.type
_entity.pdbx_description
1 polymer 'Thrombin Light Chain'
2 polymer 'Thrombin Heavy Chain'
3 polymer 'Hirudin variant-2'
4 non-polymer 2-acetamido-2-deoxy-beta-D-glucopyranose
5 non-polymer N-(benzylsulfonyl)glycyl-N-(4-carbamimidoylbenzyl)-L-prolinamide
6 non-polymer 'PHOSPHATE ION'
7 non-polymer GLYCEROL
8 non-polymer 'SODIUM ION'
9 water water
#
loop_
_entity_poly.entity_id
_entity_poly.type
_entity_poly.pdbx_seq_one_letter_code
_entity_poly.pdbx_strand_id
1 'polypeptide(L)' TFGSGEADCGLRPLFEKKSLEDKTERELLESYIDGR L
2 'polypeptide(L)'
;IVEGSDAEIGMSPWQVMLFRKSPQELLCGASLISDRWVLTAAHCLLYPPWDKNFTENDLLVRIGKHSRTRYERNIEKISM
LEKIYIHPRYNWRENLDRDIALMKLKKPVAFSDYIHPVCLPDRETAASLLQAGYKGRVTGWGNLKETWTANVGKGQPSVL
QVVNLPIVERPVCKDSTRIRITDNMFCAGYKPDEGKRGDACEGDSGGPFVMKSPFNNRWYQMGIVSWGEGCDRDGKYGFY
THVFRLKKWIQKVIDQFGE
;
H
3 'polypeptide(L)' NGDFEEIPEE(TYS)LQ I
#
loop_
_chem_comp.id
_chem_comp.type
_chem_comp.name
_chem_comp.formula
GOL non-polymer GLYCEROL 'C3 H8 O3'
NA non-polymer 'SODIUM ION' 'Na 1'
NAG D-saccharide, beta linking 2-acetamido-2-deoxy-beta-D-glucopyranose 'C8 H15 N O6'
PO4 non-polymer 'PHOSPHATE ION' 'O4 P -3'
S28 peptide-like N-(benzylsulfonyl)glycyl-N-(4-carbamimidoylbenzyl)-L-prolinamide 'C22 H27 N5 O4 S'
#
# COMPACT_ATOMS: atom_id res chain seq x y z
N GLU A 6 -13.00 10.73 5.92
CA GLU A 6 -12.66 11.83 5.02
C GLU A 6 -12.00 12.97 5.79
N ALA A 7 -12.81 13.70 6.56
CA ALA A 7 -12.32 14.82 7.35
C ALA A 7 -11.34 14.35 8.40
N ASP A 8 -11.44 13.07 8.76
CA ASP A 8 -10.64 12.50 9.82
C ASP A 8 -9.55 11.58 9.26
N CYS A 9 -9.36 11.63 7.94
CA CYS A 9 -8.41 10.74 7.29
C CYS A 9 -7.01 10.91 7.88
N GLY A 10 -6.25 9.81 7.94
CA GLY A 10 -4.85 9.86 8.30
C GLY A 10 -4.55 10.09 9.78
N LEU A 11 -5.57 10.06 10.62
CA LEU A 11 -5.39 10.20 12.07
C LEU A 11 -5.75 8.87 12.71
N ARG A 12 -4.74 8.15 13.20
CA ARG A 12 -4.98 6.80 13.68
C ARG A 12 -5.62 6.80 15.07
N PRO A 13 -6.70 6.03 15.24
CA PRO A 13 -7.38 5.93 16.53
C PRO A 13 -6.43 5.59 17.68
N LEU A 14 -5.45 4.72 17.45
CA LEU A 14 -4.62 4.25 18.56
C LEU A 14 -3.32 5.04 18.70
N PHE A 15 -3.14 6.04 17.83
CA PHE A 15 -1.94 6.87 17.89
C PHE A 15 -2.28 8.37 17.90
N GLU A 16 -2.37 8.99 16.73
CA GLU A 16 -2.69 10.43 16.72
C GLU A 16 -3.89 10.81 17.57
N LYS A 17 -4.96 10.02 17.51
CA LYS A 17 -6.18 10.40 18.20
CA LYS A 17 -6.20 10.37 18.21
C LYS A 17 -6.02 10.41 19.72
N LYS A 18 -5.04 9.65 20.23
CA LYS A 18 -4.73 9.57 21.65
C LYS A 18 -3.43 10.27 22.02
N SER A 19 -2.84 10.96 21.05
CA SER A 19 -1.51 11.56 21.21
C SER A 19 -0.44 10.55 21.67
N LEU A 20 -0.45 9.37 21.07
CA LEU A 20 0.62 8.41 21.29
C LEU A 20 1.40 8.29 19.98
N GLU A 21 2.71 8.10 20.07
CA GLU A 21 3.54 7.95 18.88
C GLU A 21 3.92 6.49 18.72
N ASP A 22 4.02 6.03 17.48
CA ASP A 22 4.50 4.69 17.25
C ASP A 22 6.03 4.68 17.35
N LYS A 23 6.63 3.50 17.36
CA LYS A 23 8.05 3.37 17.69
C LYS A 23 9.04 3.96 16.68
N THR A 24 8.61 4.17 15.44
CA THR A 24 9.55 4.66 14.42
C THR A 24 9.08 5.88 13.64
N GLU A 25 7.96 6.48 14.00
CA GLU A 25 7.54 7.63 13.22
C GLU A 25 8.50 8.79 13.33
N ARG A 26 9.19 8.89 14.46
CA ARG A 26 10.19 9.93 14.63
C ARG A 26 11.28 9.87 13.54
N GLU A 27 11.64 8.67 13.11
CA GLU A 27 12.61 8.49 12.02
C GLU A 27 12.17 9.26 10.78
N LEU A 28 10.87 9.23 10.50
CA LEU A 28 10.33 9.91 9.35
C LEU A 28 10.44 11.42 9.56
N LEU A 29 10.01 11.89 10.72
CA LEU A 29 10.03 13.33 10.99
C LEU A 29 11.45 13.85 10.86
N GLU A 30 12.40 13.09 11.36
CA GLU A 30 13.80 13.53 11.32
C GLU A 30 14.35 13.65 9.90
N SER A 31 13.74 12.94 8.96
CA SER A 31 14.18 12.98 7.57
C SER A 31 13.61 14.17 6.81
N TYR A 32 12.62 14.83 7.40
CA TYR A 32 11.94 15.93 6.72
C TYR A 32 12.64 17.22 7.08
N ILE A 33 13.78 17.44 6.43
CA ILE A 33 14.73 18.46 6.86
C ILE A 33 14.50 19.80 6.15
N ILE B 1 7.74 -7.79 2.92
CA ILE B 1 8.70 -6.76 3.32
C ILE B 1 9.98 -7.42 3.79
N VAL B 2 11.11 -7.00 3.21
CA VAL B 2 12.42 -7.53 3.57
C VAL B 2 13.11 -6.58 4.54
N GLU B 3 13.69 -7.13 5.61
CA GLU B 3 14.42 -6.34 6.59
C GLU B 3 13.56 -5.29 7.28
N GLY B 4 12.28 -5.61 7.47
CA GLY B 4 11.38 -4.74 8.21
C GLY B 4 11.18 -5.28 9.61
N SER B 5 10.14 -4.80 10.28
CA SER B 5 9.81 -5.25 11.62
CA SER B 5 9.80 -5.28 11.61
C SER B 5 8.31 -5.50 11.74
N ASP B 6 7.89 -6.16 12.81
CA ASP B 6 6.47 -6.36 13.09
C ASP B 6 5.80 -5.00 13.28
N ALA B 7 4.67 -4.79 12.63
CA ALA B 7 3.87 -3.60 12.90
C ALA B 7 3.33 -3.61 14.33
N GLU B 8 3.06 -2.43 14.87
CA GLU B 8 2.34 -2.32 16.13
C GLU B 8 0.85 -2.46 15.87
N ILE B 9 0.08 -2.85 16.88
CA ILE B 9 -1.36 -2.91 16.71
C ILE B 9 -1.91 -1.52 16.34
N GLY B 10 -2.71 -1.48 15.28
CA GLY B 10 -3.33 -0.24 14.83
C GLY B 10 -2.38 0.78 14.20
N MET B 11 -1.18 0.33 13.86
CA MET B 11 -0.18 1.23 13.29
C MET B 11 -0.51 1.64 11.87
N SER B 12 -1.19 0.75 11.14
CA SER B 12 -1.55 0.98 9.75
CA SER B 12 -1.55 0.98 9.74
C SER B 12 -3.01 0.62 9.50
N PRO B 13 -3.94 1.39 10.08
CA PRO B 13 -5.36 1.00 10.07
C PRO B 13 -6.03 1.11 8.71
N TRP B 14 -5.32 1.68 7.74
CA TRP B 14 -5.78 1.71 6.36
C TRP B 14 -5.26 0.53 5.54
N GLN B 15 -4.44 -0.34 6.13
CA GLN B 15 -3.92 -1.47 5.37
CA GLN B 15 -3.91 -1.52 5.44
C GLN B 15 -5.04 -2.44 5.02
N VAL B 16 -5.05 -2.86 3.77
CA VAL B 16 -6.08 -3.79 3.30
C VAL B 16 -5.37 -5.01 2.72
N MET B 17 -5.94 -6.18 2.97
CA MET B 17 -5.50 -7.41 2.31
C MET B 17 -6.48 -7.79 1.21
N LEU B 18 -5.98 -7.94 -0.01
CA LEU B 18 -6.77 -8.52 -1.08
C LEU B 18 -6.64 -10.02 -0.99
N PHE B 19 -7.77 -10.70 -0.90
CA PHE B 19 -7.79 -12.11 -0.58
C PHE B 19 -8.54 -12.89 -1.66
N ARG B 20 -7.88 -13.89 -2.20
CA ARG B 20 -8.46 -14.73 -3.24
C ARG B 20 -9.44 -15.71 -2.59
N LYS B 21 -10.61 -15.88 -3.20
CA LYS B 21 -11.64 -16.77 -2.66
C LYS B 21 -11.32 -18.25 -2.86
N SER B 22 -10.79 -18.61 -4.02
CA SER B 22 -10.46 -20.01 -4.29
C SER B 22 -9.32 -20.13 -5.28
N PRO B 23 -8.18 -20.69 -4.84
CA PRO B 23 -7.96 -21.14 -3.47
C PRO B 23 -7.81 -19.94 -2.53
N GLN B 24 -8.00 -20.15 -1.23
CA GLN B 24 -7.88 -19.07 -0.25
C GLN B 24 -6.42 -18.70 -0.06
N GLU B 25 -6.05 -17.49 -0.50
CA GLU B 25 -4.67 -17.06 -0.40
C GLU B 25 -4.58 -15.54 -0.51
N LEU B 26 -3.49 -14.97 0.00
CA LEU B 26 -3.21 -13.55 -0.16
C LEU B 26 -2.94 -13.23 -1.63
N LEU B 27 -3.58 -12.19 -2.14
CA LEU B 27 -3.32 -11.75 -3.51
C LEU B 27 -2.46 -10.51 -3.57
N CYS B 28 -2.67 -9.58 -2.64
CA CYS B 28 -2.00 -8.28 -2.71
C CYS B 28 -2.33 -7.48 -1.46
N GLY B 29 -1.65 -6.34 -1.32
CA GLY B 29 -2.04 -5.32 -0.36
C GLY B 29 -2.86 -4.29 -1.10
N ALA B 30 -3.41 -3.36 -0.33
CA ALA B 30 -4.24 -2.28 -0.85
C ALA B 30 -4.42 -1.34 0.34
N SER B 31 -5.18 -0.26 0.16
CA SER B 31 -5.38 0.69 1.24
C SER B 31 -6.78 1.25 1.24
N LEU B 32 -7.25 1.60 2.43
CA LEU B 32 -8.59 2.13 2.60
C LEU B 32 -8.54 3.66 2.50
N ILE B 33 -9.30 4.22 1.56
CA ILE B 33 -9.28 5.68 1.39
C ILE B 33 -10.61 6.35 1.74
N SER B 34 -11.65 5.55 1.96
CA SER B 34 -12.92 6.04 2.47
C SER B 34 -13.70 4.84 2.95
N ASP B 35 -14.96 5.03 3.35
CA ASP B 35 -15.71 3.87 3.84
C ASP B 35 -16.14 2.92 2.73
N ARG B 36 -15.98 3.33 1.47
CA ARG B 36 -16.43 2.52 0.35
C ARG B 36 -15.37 2.27 -0.72
N TRP B 37 -14.19 2.89 -0.57
CA TRP B 37 -13.21 2.80 -1.66
C TRP B 37 -11.87 2.30 -1.18
N VAL B 38 -11.29 1.39 -1.97
CA VAL B 38 -10.00 0.80 -1.69
C VAL B 38 -9.09 1.03 -2.89
N LEU B 39 -7.84 1.43 -2.61
CA LEU B 39 -6.85 1.73 -3.64
C LEU B 39 -5.84 0.60 -3.70
N THR B 40 -5.46 0.18 -4.91
CA THR B 40 -4.44 -0.86 -5.04
C THR B 40 -3.64 -0.64 -6.33
N ALA B 41 -2.74 -1.56 -6.64
CA ALA B 41 -2.03 -1.55 -7.91
C ALA B 41 -2.81 -2.30 -8.97
N ALA B 42 -2.82 -1.76 -10.18
CA ALA B 42 -3.47 -2.45 -11.29
C ALA B 42 -2.91 -3.85 -11.53
N HIS B 43 -1.61 -4.03 -11.38
CA HIS B 43 -1.02 -5.34 -11.67
C HIS B 43 -1.50 -6.42 -10.69
N CYS B 44 -2.08 -6.00 -9.57
CA CYS B 44 -2.70 -6.94 -8.63
C CYS B 44 -3.92 -7.59 -9.23
N LEU B 45 -4.57 -6.90 -10.17
CA LEU B 45 -5.82 -7.36 -10.76
C LEU B 45 -5.65 -7.79 -12.21
N LEU B 46 -4.73 -7.13 -12.92
CA LEU B 46 -4.57 -7.37 -14.35
C LEU B 46 -3.11 -7.44 -14.74
N TYR B 47 -2.66 -8.61 -15.18
CA TYR B 47 -1.32 -8.75 -15.71
C TYR B 47 -1.26 -9.92 -16.69
N PRO B 48 -1.66 -9.66 -17.93
CA PRO B 48 -1.76 -10.68 -18.99
C PRO B 48 -0.50 -11.53 -19.22
N PRO B 49 0.71 -10.96 -19.06
CA PRO B 49 1.87 -11.84 -19.24
C PRO B 49 1.90 -13.04 -18.29
N TRP B 50 1.24 -12.91 -17.13
CA TRP B 50 1.15 -14.00 -16.16
C TRP B 50 -0.25 -14.59 -16.11
N ASP B 51 -1.05 -14.32 -17.14
CA ASP B 51 -2.42 -14.83 -17.17
C ASP B 51 -3.23 -14.39 -15.97
N LYS B 52 -2.97 -13.17 -15.49
CA LYS B 52 -3.72 -12.66 -14.35
C LYS B 52 -4.81 -11.70 -14.82
N ASN B 53 -6.07 -12.02 -14.50
CA ASN B 53 -7.18 -11.12 -14.81
C ASN B 53 -8.32 -11.34 -13.88
N PHE B 54 -8.23 -10.79 -12.67
CA PHE B 54 -9.27 -11.05 -11.68
C PHE B 54 -10.53 -10.21 -11.91
N THR B 55 -11.68 -10.82 -11.64
CA THR B 55 -12.94 -10.09 -11.67
C THR B 55 -13.44 -9.88 -10.24
N GLU B 56 -14.45 -9.04 -10.06
CA GLU B 56 -14.94 -8.70 -8.73
C GLU B 56 -15.25 -9.93 -7.87
N ASN B 57 -15.90 -10.93 -8.46
CA ASN B 57 -16.38 -12.07 -7.67
C ASN B 57 -15.27 -13.05 -7.28
N ASP B 58 -14.08 -12.83 -7.81
CA ASP B 58 -12.92 -13.65 -7.50
C ASP B 58 -12.33 -13.31 -6.13
N LEU B 59 -12.59 -12.10 -5.64
CA LEU B 59 -11.82 -11.53 -4.54
C LEU B 59 -12.66 -11.07 -3.33
N LEU B 60 -11.96 -10.94 -2.20
CA LEU B 60 -12.52 -10.32 -1.01
C LEU B 60 -11.53 -9.28 -0.53
N VAL B 61 -12.01 -8.31 0.24
CA VAL B 61 -11.14 -7.33 0.87
C VAL B 61 -11.21 -7.56 2.38
N ARG B 62 -10.06 -7.68 3.03
CA ARG B 62 -10.00 -7.91 4.48
C ARG B 62 -9.31 -6.72 5.13
N ILE B 63 -10.04 -6.05 6.01
CA ILE B 63 -9.63 -4.77 6.55
C ILE B 63 -9.49 -4.88 8.06
N GLY B 64 -8.49 -4.18 8.62
CA GLY B 64 -8.26 -4.21 10.05
C GLY B 64 -7.39 -5.36 10.51
N LYS B 65 -6.66 -5.98 9.59
CA LYS B 65 -5.89 -7.16 9.95
C LYS B 65 -4.51 -6.86 10.53
N HIS B 66 -3.98 -7.82 11.26
CA HIS B 66 -2.62 -7.78 11.78
C HIS B 66 -1.96 -9.11 11.44
N SER B 67 -2.50 -10.19 11.97
CA SER B 67 -2.05 -11.52 11.58
C SER B 67 -2.26 -11.74 10.09
N ARG B 68 -1.28 -12.34 9.43
CA ARG B 68 -1.40 -12.69 8.02
C ARG B 68 -2.44 -13.78 7.77
N THR B 69 -2.33 -14.89 8.49
CA THR B 69 -3.11 -16.09 8.15
C THR B 69 -4.36 -16.32 8.97
N ARG B 70 -4.42 -15.73 10.16
N ARG B 70 -4.41 -15.74 10.17
CA ARG B 70 -5.51 -16.03 11.08
CA ARG B 70 -5.51 -15.97 11.09
C ARG B 70 -6.76 -15.20 10.80
C ARG B 70 -6.78 -15.22 10.68
N TYR B 71 -7.94 -15.78 11.03
CA TYR B 71 -9.18 -15.04 10.92
C TYR B 71 -9.36 -14.28 12.24
N GLU B 72 -9.24 -12.97 12.17
CA GLU B 72 -9.17 -12.12 13.34
C GLU B 72 -10.55 -11.69 13.80
N ARG B 73 -11.24 -12.65 14.41
CA ARG B 73 -12.62 -12.52 14.83
C ARG B 73 -12.81 -11.27 15.70
N ASN B 74 -13.90 -10.54 15.44
CA ASN B 74 -14.22 -9.30 16.16
C ASN B 74 -13.27 -8.13 15.91
N ILE B 75 -12.36 -8.30 14.97
CA ILE B 75 -11.38 -7.25 14.68
C ILE B 75 -11.39 -6.93 13.19
N GLU B 76 -11.04 -7.90 12.37
CA GLU B 76 -11.07 -7.64 10.94
C GLU B 76 -12.50 -7.66 10.41
N LYS B 77 -12.69 -6.98 9.29
CA LYS B 77 -13.96 -6.97 8.58
C LYS B 77 -13.71 -7.35 7.13
N ILE B 78 -14.58 -8.19 6.60
CA ILE B 78 -14.42 -8.72 5.25
C ILE B 78 -15.49 -8.15 4.32
N SER B 79 -15.06 -7.58 3.21
CA SER B 79 -15.96 -6.90 2.28
C SER B 79 -15.93 -7.51 0.89
N MET B 80 -17.09 -7.54 0.24
CA MET B 80 -17.19 -7.96 -1.14
CA MET B 80 -17.19 -7.96 -1.14
C MET B 80 -17.03 -6.74 -2.06
N LEU B 81 -16.57 -6.99 -3.29
CA LEU B 81 -16.35 -5.93 -4.26
C LEU B 81 -17.58 -5.69 -5.12
N GLU B 82 -17.95 -4.43 -5.27
CA GLU B 82 -19.00 -4.05 -6.20
C GLU B 82 -18.43 -3.90 -7.61
N LYS B 83 -17.30 -3.19 -7.71
CA LYS B 83 -16.71 -2.92 -9.02
C LYS B 83 -15.24 -2.58 -8.91
N ILE B 84 -14.48 -3.02 -9.91
CA ILE B 84 -13.06 -2.69 -10.07
C ILE B 84 -12.91 -1.67 -11.18
N TYR B 85 -12.02 -0.70 -10.97
CA TYR B 85 -11.69 0.29 -11.99
C TYR B 85 -10.19 0.32 -12.15
N ILE B 86 -9.70 -0.02 -13.33
CA ILE B 86 -8.27 0.00 -13.60
C ILE B 86 -7.97 1.24 -14.45
N HIS B 87 -6.81 1.88 -14.21
CA HIS B 87 -6.51 3.07 -15.00
C HIS B 87 -6.54 2.71 -16.48
N PRO B 88 -7.22 3.52 -17.31
CA PRO B 88 -7.36 3.18 -18.73
C PRO B 88 -6.05 3.22 -19.49
N ARG B 89 -5.03 3.87 -18.95
CA ARG B 89 -3.72 3.91 -19.61
C ARG B 89 -2.65 3.14 -18.82
N TYR B 90 -3.10 2.24 -17.94
CA TYR B 90 -2.19 1.33 -17.27
C TYR B 90 -1.38 0.54 -18.30
N ASN B 91 -0.05 0.67 -18.25
CA ASN B 91 0.84 0.03 -19.22
C ASN B 91 1.40 -1.31 -18.71
N TRP B 92 0.61 -2.37 -18.84
CA TRP B 92 1.09 -3.69 -18.45
C TRP B 92 2.02 -4.31 -19.50
N ARG B 93 2.04 -3.74 -20.69
CA ARG B 93 2.86 -4.26 -21.77
CA ARG B 93 2.87 -4.27 -21.76
C ARG B 93 4.35 -4.03 -21.54
N GLU B 94 4.69 -2.89 -20.95
CA GLU B 94 6.10 -2.49 -20.85
C GLU B 94 6.67 -2.35 -19.45
N ASN B 95 6.20 -1.35 -18.71
CA ASN B 95 6.89 -0.91 -17.49
C ASN B 95 5.96 -0.62 -16.32
N LEU B 96 4.71 -1.07 -16.41
CA LEU B 96 3.74 -0.83 -15.34
C LEU B 96 3.44 0.66 -15.12
N ASP B 97 3.58 1.47 -16.16
CA ASP B 97 3.24 2.88 -16.05
C ASP B 97 1.77 3.03 -15.66
N ARG B 98 1.47 3.91 -14.69
CA ARG B 98 0.11 4.17 -14.22
C ARG B 98 -0.50 2.92 -13.55
N ASP B 99 0.30 2.31 -12.69
CA ASP B 99 -0.07 1.06 -12.01
C ASP B 99 -1.02 1.35 -10.84
N ILE B 100 -2.30 1.56 -11.16
CA ILE B 100 -3.23 2.02 -10.14
C ILE B 100 -4.62 1.50 -10.47
N ALA B 101 -5.38 1.18 -9.43
CA ALA B 101 -6.73 0.68 -9.58
C ALA B 101 -7.51 1.02 -8.32
N LEU B 102 -8.81 1.23 -8.49
CA LEU B 102 -9.74 1.43 -7.39
C LEU B 102 -10.71 0.28 -7.31
N MET B 103 -11.19 0.00 -6.10
CA MET B 103 -12.20 -1.01 -5.91
C MET B 103 -13.27 -0.40 -5.04
N LYS B 104 -14.52 -0.46 -5.49
CA LYS B 104 -15.65 0.00 -4.68
C LYS B 104 -16.29 -1.16 -3.96
N LEU B 105 -16.49 -1.00 -2.65
CA LEU B 105 -17.05 -2.06 -1.83
C LEU B 105 -18.57 -2.13 -1.98
N LYS B 106 -19.12 -3.33 -1.81
CA LYS B 106 -20.58 -3.48 -1.88
C LYS B 106 -21.29 -2.67 -0.80
N LYS B 107 -20.68 -2.61 0.38
CA LYS B 107 -21.25 -1.88 1.51
C LYS B 107 -20.16 -1.11 2.26
N PRO B 108 -20.53 0.02 2.88
CA PRO B 108 -19.53 0.79 3.66
C PRO B 108 -18.98 -0.03 4.81
N VAL B 109 -17.68 0.08 5.06
CA VAL B 109 -17.07 -0.61 6.18
C VAL B 109 -17.14 0.28 7.41
N ALA B 110 -17.36 -0.34 8.58
CA ALA B 110 -17.40 0.42 9.81
C ALA B 110 -15.99 0.71 10.31
N PHE B 111 -15.70 1.99 10.58
CA PHE B 111 -14.40 2.35 11.13
C PHE B 111 -14.33 1.92 12.60
N SER B 112 -13.11 1.70 13.07
CA SER B 112 -12.87 1.22 14.43
C SER B 112 -11.46 1.61 14.81
N ASP B 113 -10.98 1.11 15.94
CA ASP B 113 -9.60 1.36 16.34
C ASP B 113 -8.62 0.77 15.32
N TYR B 114 -9.07 -0.22 14.57
CA TYR B 114 -8.18 -0.97 13.68
C TYR B 114 -8.44 -0.69 12.20
N ILE B 115 -9.48 0.11 11.94
CA ILE B 115 -9.93 0.35 10.57
C ILE B 115 -10.19 1.84 10.39
N HIS B 116 -9.40 2.48 9.53
CA HIS B 116 -9.48 3.93 9.39
C HIS B 116 -8.77 4.34 8.12
N PRO B 117 -9.34 5.30 7.38
CA PRO B 117 -8.79 5.63 6.06
C PRO B 117 -7.55 6.52 6.13
N VAL B 118 -6.70 6.38 5.12
CA VAL B 118 -5.51 7.22 4.97
C VAL B 118 -5.91 8.41 4.08
N CYS B 119 -5.18 9.52 4.19
CA CYS B 119 -5.41 10.67 3.32
C CYS B 119 -4.73 10.50 1.98
N LEU B 120 -5.30 11.10 0.94
CA LEU B 120 -4.59 11.26 -0.33
C LEU B 120 -4.03 12.66 -0.41
N PRO B 121 -2.80 12.79 -0.94
CA PRO B 121 -2.10 14.07 -0.97
C PRO B 121 -2.68 15.08 -1.95
N ASP B 122 -2.67 16.34 -1.55
CA ASP B 122 -2.92 17.47 -2.44
C ASP B 122 -1.59 17.84 -3.09
N ARG B 123 -1.63 18.76 -4.05
CA ARG B 123 -0.43 19.15 -4.78
C ARG B 123 0.66 19.67 -3.85
N GLU B 124 0.27 20.46 -2.85
CA GLU B 124 1.22 21.10 -1.96
C GLU B 124 1.91 20.10 -1.04
N THR B 125 1.11 19.19 -0.48
CA THR B 125 1.66 18.15 0.38
C THR B 125 2.63 17.29 -0.42
N ALA B 126 2.26 16.94 -1.65
CA ALA B 126 3.15 16.14 -2.50
C ALA B 126 4.44 16.89 -2.79
N ALA B 127 4.32 18.16 -3.16
CA ALA B 127 5.50 18.95 -3.47
C ALA B 127 6.41 19.02 -2.26
N SER B 128 5.83 19.18 -1.08
CA SER B 128 6.63 19.36 0.12
C SER B 128 7.29 18.07 0.62
N LEU B 129 6.63 16.92 0.47
CA LEU B 129 7.14 15.68 1.05
C LEU B 129 7.85 14.73 0.07
N LEU B 130 7.50 14.77 -1.20
CA LEU B 130 8.09 13.84 -2.15
C LEU B 130 9.47 14.35 -2.61
N GLN B 131 10.42 14.33 -1.69
CA GLN B 131 11.77 14.86 -1.93
C GLN B 131 12.81 13.81 -1.61
N ALA B 132 13.88 13.72 -2.41
CA ALA B 132 14.94 12.76 -2.13
C ALA B 132 15.44 12.89 -0.69
N GLY B 133 15.63 11.75 -0.02
CA GLY B 133 16.05 11.75 1.37
C GLY B 133 14.91 11.64 2.37
N TYR B 134 13.76 12.22 2.04
CA TYR B 134 12.60 12.12 2.94
C TYR B 134 12.13 10.68 2.99
N LYS B 135 11.81 10.20 4.18
CA LYS B 135 11.43 8.81 4.34
C LYS B 135 9.94 8.61 4.38
N GLY B 136 9.48 7.52 3.77
CA GLY B 136 8.12 7.07 3.88
C GLY B 136 8.08 5.71 4.52
N ARG B 137 6.89 5.15 4.66
CA ARG B 137 6.73 3.85 5.31
C ARG B 137 5.95 2.90 4.42
N VAL B 138 6.43 1.66 4.29
CA VAL B 138 5.74 0.68 3.48
C VAL B 138 5.38 -0.49 4.38
N THR B 139 4.21 -1.07 4.14
CA THR B 139 3.71 -2.13 4.98
C THR B 139 3.13 -3.24 4.12
N GLY B 140 3.19 -4.47 4.62
CA GLY B 140 2.58 -5.56 3.90
C GLY B 140 2.85 -6.91 4.52
N TRP B 141 2.20 -7.92 3.96
CA TRP B 141 2.34 -9.30 4.41
C TRP B 141 3.11 -10.11 3.38
N GLY B 142 3.84 -9.43 2.50
CA GLY B 142 4.59 -10.10 1.46
C GLY B 142 5.81 -10.84 1.97
N ASN B 143 6.54 -11.45 1.04
CA ASN B 143 7.73 -12.24 1.37
C ASN B 143 8.77 -11.49 2.20
N LEU B 144 9.38 -12.21 3.14
CA LEU B 144 10.44 -11.66 3.99
C LEU B 144 11.81 -11.67 3.30
N LYS B 145 11.93 -12.43 2.22
CA LYS B 145 13.19 -12.52 1.47
C LYS B 145 12.86 -12.75 0.02
N GLU B 146 13.80 -12.39 -0.86
CA GLU B 146 13.58 -12.56 -2.30
C GLU B 146 13.37 -14.02 -2.67
N THR B 147 14.22 -14.89 -2.14
CA THR B 147 14.12 -16.33 -2.40
C THR B 147 14.49 -17.13 -1.17
N GLY B 155 10.61 -16.75 5.07
CA GLY B 155 9.59 -16.98 4.06
C GLY B 155 8.47 -15.96 4.12
N GLN B 156 7.41 -16.29 4.84
CA GLN B 156 6.28 -15.38 4.98
C GLN B 156 6.06 -15.00 6.44
N PRO B 157 5.60 -13.78 6.70
CA PRO B 157 5.54 -13.29 8.09
C PRO B 157 4.30 -13.75 8.83
N SER B 158 4.38 -13.81 10.16
CA SER B 158 3.22 -14.09 10.99
C SER B 158 2.27 -12.91 11.02
N VAL B 159 2.84 -11.70 11.11
CA VAL B 159 2.01 -10.50 11.16
C VAL B 159 2.52 -9.42 10.21
N LEU B 160 1.67 -8.41 10.03
CA LEU B 160 1.98 -7.28 9.18
C LEU B 160 3.39 -6.72 9.43
N GLN B 161 4.13 -6.49 8.35
CA GLN B 161 5.50 -5.97 8.44
C GLN B 161 5.56 -4.50 8.02
N VAL B 162 6.53 -3.79 8.59
CA VAL B 162 6.69 -2.36 8.31
C VAL B 162 8.17 -2.02 8.06
N VAL B 163 8.44 -1.13 7.13
CA VAL B 163 9.79 -0.62 6.95
C VAL B 163 9.74 0.83 6.50
N ASN B 164 10.64 1.65 7.04
CA ASN B 164 10.76 3.05 6.60
C ASN B 164 11.91 3.14 5.60
N LEU B 165 11.69 3.85 4.48
CA LEU B 165 12.65 3.90 3.38
C LEU B 165 12.72 5.30 2.81
N PRO B 166 13.93 5.77 2.52
CA PRO B 166 14.07 7.10 1.93
C PRO B 166 13.76 7.17 0.42
N ILE B 167 13.09 8.24 0.02
CA ILE B 167 12.90 8.52 -1.40
CA ILE B 167 12.90 8.55 -1.39
C ILE B 167 14.25 8.75 -2.07
N VAL B 168 14.41 8.22 -3.27
CA VAL B 168 15.68 8.32 -4.00
C VAL B 168 15.61 9.34 -5.15
N GLU B 169 16.72 10.05 -5.38
CA GLU B 169 16.83 11.01 -6.47
C GLU B 169 16.49 10.33 -7.81
N ARG B 170 15.73 11.02 -8.66
CA ARG B 170 15.25 10.42 -9.90
C ARG B 170 16.37 9.89 -10.81
N PRO B 171 17.47 10.64 -10.96
CA PRO B 171 18.57 10.14 -11.79
C PRO B 171 19.16 8.84 -11.25
N VAL B 172 19.22 8.70 -9.93
CA VAL B 172 19.68 7.46 -9.31
C VAL B 172 18.72 6.32 -9.59
N CYS B 173 17.41 6.58 -9.45
CA CYS B 173 16.40 5.60 -9.81
C CYS B 173 16.62 5.12 -11.25
N LYS B 174 16.77 6.08 -12.16
CA LYS B 174 16.88 5.76 -13.57
C LYS B 174 18.14 4.95 -13.88
N ASP B 175 19.24 5.32 -13.24
CA ASP B 175 20.52 4.65 -13.49
C ASP B 175 20.63 3.27 -12.84
N SER B 176 19.64 2.89 -12.04
CA SER B 176 19.68 1.61 -11.34
C SER B 176 19.07 0.47 -12.16
N THR B 177 18.46 0.80 -13.30
CA THR B 177 17.58 -0.14 -13.99
C THR B 177 17.65 0.06 -15.50
N ARG B 178 17.28 -0.96 -16.26
CA ARG B 178 17.16 -0.84 -17.71
C ARG B 178 15.73 -0.50 -18.09
N ILE B 179 14.82 -0.60 -17.14
CA ILE B 179 13.42 -0.29 -17.40
C ILE B 179 13.23 1.21 -17.61
N ARG B 180 12.34 1.58 -18.54
CA ARG B 180 12.01 2.98 -18.74
C ARG B 180 11.16 3.52 -17.59
N ILE B 181 11.72 4.46 -16.82
CA ILE B 181 11.00 5.04 -15.69
C ILE B 181 10.15 6.21 -16.18
N THR B 182 9.01 6.45 -15.56
CA THR B 182 8.18 7.60 -15.94
C THR B 182 7.87 8.49 -14.73
N ASP B 183 7.29 9.64 -15.03
CA ASP B 183 6.90 10.61 -14.01
C ASP B 183 5.81 10.05 -13.10
N ASN B 184 5.16 8.97 -13.52
CA ASN B 184 4.12 8.33 -12.70
C ASN B 184 4.67 7.30 -11.71
N MET B 185 6.00 7.26 -11.58
CA MET B 185 6.66 6.37 -10.62
C MET B 185 7.68 7.16 -9.82
N PHE B 186 7.95 6.68 -8.60
CA PHE B 186 9.15 7.11 -7.89
C PHE B 186 9.80 5.90 -7.24
N CYS B 187 11.03 6.04 -6.80
CA CYS B 187 11.68 4.90 -6.17
C CYS B 187 12.16 5.24 -4.76
N ALA B 188 12.31 4.23 -3.93
CA ALA B 188 12.76 4.44 -2.57
C ALA B 188 13.63 3.28 -2.11
N GLY B 189 14.51 3.55 -1.15
CA GLY B 189 15.35 2.52 -0.61
C GLY B 189 16.70 3.12 -0.29
N TYR B 190 17.48 2.39 0.50
CA TYR B 190 18.81 2.82 0.85
C TYR B 190 19.80 2.45 -0.24
N LYS B 191 20.85 3.26 -0.35
CA LYS B 191 21.95 2.97 -1.27
C LYS B 191 22.91 2.01 -0.58
N PRO B 192 23.72 1.29 -1.36
CA PRO B 192 24.73 0.40 -0.77
C PRO B 192 25.58 1.08 0.29
N ASP B 193 26.03 2.31 0.02
CA ASP B 193 26.91 3.01 0.95
C ASP B 193 26.21 3.43 2.25
N GLU B 194 24.88 3.38 2.27
CA GLU B 194 24.14 3.85 3.44
C GLU B 194 24.03 2.80 4.55
N GLY B 195 24.38 1.55 4.23
CA GLY B 195 24.41 0.49 5.23
C GLY B 195 23.08 -0.13 5.59
N LYS B 196 22.09 0.70 5.95
CA LYS B 196 20.78 0.20 6.30
C LYS B 196 20.13 -0.40 5.07
N ARG B 197 19.13 -1.26 5.25
CA ARG B 197 18.46 -1.83 4.08
C ARG B 197 16.96 -1.99 4.30
N GLY B 198 16.30 -2.75 3.42
CA GLY B 198 14.86 -2.88 3.48
C GLY B 198 14.21 -2.61 2.14
N ASP B 199 13.10 -3.29 1.86
CA ASP B 199 12.42 -3.16 0.58
C ASP B 199 11.06 -3.82 0.71
N ALA B 200 10.14 -3.49 -0.20
CA ALA B 200 8.95 -4.31 -0.40
C ALA B 200 9.31 -5.53 -1.24
N CYS B 201 8.39 -6.47 -1.36
CA CYS B 201 8.66 -7.68 -2.12
C CYS B 201 7.38 -8.26 -2.67
N GLU B 202 7.48 -9.38 -3.38
CA GLU B 202 6.31 -10.13 -3.81
C GLU B 202 5.31 -10.26 -2.66
N GLY B 203 4.04 -9.98 -2.94
CA GLY B 203 3.00 -10.06 -1.92
C GLY B 203 2.70 -8.70 -1.30
N ASP B 204 3.64 -7.75 -1.39
CA ASP B 204 3.43 -6.43 -0.84
C ASP B 204 2.77 -5.52 -1.88
N SER B 205 2.76 -5.98 -3.13
CA SER B 205 2.11 -5.28 -4.25
C SER B 205 0.81 -4.63 -3.85
N GLY B 206 0.60 -3.39 -4.29
CA GLY B 206 -0.66 -2.68 -4.07
C GLY B 206 -0.77 -2.00 -2.71
N GLY B 207 0.14 -2.33 -1.80
CA GLY B 207 0.15 -1.71 -0.48
C GLY B 207 0.66 -0.28 -0.51
N PRO B 208 0.47 0.45 0.58
CA PRO B 208 0.72 1.89 0.57
C PRO B 208 2.13 2.27 1.01
N PHE B 209 2.68 3.30 0.37
CA PHE B 209 3.86 4.02 0.82
C PHE B 209 3.33 5.30 1.43
N VAL B 210 3.44 5.41 2.76
CA VAL B 210 2.82 6.56 3.45
C VAL B 210 3.86 7.48 4.09
N MET B 211 3.48 8.76 4.24
CA MET B 211 4.35 9.72 4.92
C MET B 211 3.49 10.50 5.91
N LYS B 212 4.09 10.88 7.05
CA LYS B 212 3.33 11.65 8.05
C LYS B 212 3.68 13.12 7.89
N SER B 213 2.68 13.90 7.50
CA SER B 213 2.93 15.32 7.28
C SER B 213 3.33 15.99 8.56
N PRO B 214 4.44 16.73 8.55
CA PRO B 214 4.85 17.45 9.76
C PRO B 214 4.07 18.77 9.90
N PHE B 215 3.25 19.11 8.89
CA PHE B 215 2.44 20.31 8.91
C PHE B 215 1.11 20.10 9.61
N ASN B 216 0.46 18.98 9.39
CA ASN B 216 -0.84 18.73 10.04
C ASN B 216 -0.91 17.40 10.77
N ASN B 217 0.23 16.73 10.86
CA ASN B 217 0.37 15.46 11.56
C ASN B 217 -0.59 14.36 11.12
N ARG B 218 -0.94 14.35 9.83
CA ARG B 218 -1.78 13.31 9.24
C ARG B 218 -0.95 12.45 8.29
N TRP B 219 -1.33 11.19 8.19
CA TRP B 219 -0.69 10.27 7.25
C TRP B 219 -1.30 10.38 5.86
N TYR B 220 -0.41 10.48 4.87
CA TYR B 220 -0.78 10.58 3.47
C TYR B 220 -0.20 9.42 2.69
N GLN B 221 -0.99 8.89 1.77
CA GLN B 221 -0.46 7.84 0.91
C GLN B 221 0.14 8.45 -0.34
N MET B 222 1.47 8.40 -0.42
CA MET B 222 2.16 8.98 -1.56
C MET B 222 2.41 7.97 -2.66
N GLY B 223 2.49 6.68 -2.30
CA GLY B 223 2.89 5.68 -3.28
C GLY B 223 2.11 4.39 -3.14
N ILE B 224 2.16 3.58 -4.19
CA ILE B 224 1.62 2.23 -4.17
C ILE B 224 2.75 1.31 -4.55
N VAL B 225 2.95 0.23 -3.79
CA VAL B 225 3.99 -0.74 -4.14
C VAL B 225 3.76 -1.29 -5.54
N SER B 226 4.73 -1.13 -6.42
CA SER B 226 4.51 -1.45 -7.85
C SER B 226 5.44 -2.52 -8.40
N TRP B 227 6.74 -2.23 -8.46
CA TRP B 227 7.66 -3.21 -9.01
C TRP B 227 9.09 -3.04 -8.50
N GLY B 228 9.92 -4.03 -8.78
CA GLY B 228 11.32 -3.98 -8.43
C GLY B 228 12.02 -5.17 -9.06
N GLU B 229 13.33 -5.14 -9.06
CA GLU B 229 14.14 -6.22 -9.60
C GLU B 229 14.67 -7.00 -8.40
N GLY B 230 14.09 -8.17 -8.15
CA GLY B 230 14.38 -8.91 -6.94
C GLY B 230 13.84 -8.11 -5.76
N CYS B 231 14.34 -8.39 -4.57
CA CYS B 231 13.95 -7.63 -3.38
C CYS B 231 15.18 -7.37 -2.51
N ASP B 232 15.32 -6.11 -2.07
CA ASP B 232 16.42 -5.68 -1.20
C ASP B 232 17.80 -6.00 -1.77
N ARG B 233 17.94 -5.90 -3.09
CA ARG B 233 19.24 -6.07 -3.71
C ARG B 233 20.03 -4.79 -3.62
N ASP B 234 21.33 -4.90 -3.34
CA ASP B 234 22.23 -3.75 -3.36
C ASP B 234 22.18 -3.09 -4.73
N GLY B 235 21.97 -1.78 -4.75
CA GLY B 235 22.01 -1.02 -5.98
C GLY B 235 20.70 -1.01 -6.74
N LYS B 236 19.70 -1.71 -6.21
CA LYS B 236 18.36 -1.71 -6.76
C LYS B 236 17.44 -0.97 -5.79
N TYR B 237 16.32 -0.47 -6.28
CA TYR B 237 15.38 0.29 -5.50
C TYR B 237 13.97 -0.17 -5.78
N GLY B 238 13.08 0.01 -4.81
CA GLY B 238 11.69 -0.34 -5.03
C GLY B 238 11.01 0.77 -5.79
N PHE B 239 10.10 0.40 -6.70
CA PHE B 239 9.36 1.42 -7.44
C PHE B 239 7.90 1.48 -7.02
N TYR B 240 7.39 2.72 -6.98
CA TYR B 240 6.08 3.00 -6.42
C TYR B 240 5.27 3.84 -7.39
N THR B 241 3.99 3.54 -7.51
CA THR B 241 3.10 4.41 -8.26
C THR B 241 2.98 5.75 -7.57
N HIS B 242 3.09 6.83 -8.34
CA HIS B 242 3.06 8.20 -7.83
C HIS B 242 1.59 8.60 -7.67
N VAL B 243 1.07 8.52 -6.45
CA VAL B 243 -0.38 8.66 -6.27
C VAL B 243 -0.87 10.04 -6.67
N PHE B 244 -0.15 11.08 -6.28
CA PHE B 244 -0.63 12.41 -6.61
C PHE B 244 -0.73 12.64 -8.12
N ARG B 245 0.23 12.12 -8.89
CA ARG B 245 0.20 12.33 -10.33
C ARG B 245 -1.04 11.72 -10.96
N LEU B 246 -1.63 10.74 -10.28
CA LEU B 246 -2.78 10.04 -10.84
C LEU B 246 -4.07 10.41 -10.09
N LYS B 247 -4.00 11.44 -9.26
CA LYS B 247 -5.13 11.82 -8.41
C LYS B 247 -6.32 12.34 -9.22
N LYS B 248 -6.07 12.95 -10.36
CA LYS B 248 -7.17 13.44 -11.18
C LYS B 248 -8.04 12.28 -11.66
N TRP B 249 -7.40 11.15 -11.98
CA TRP B 249 -8.14 9.95 -12.36
C TRP B 249 -8.90 9.37 -11.18
N ILE B 250 -8.24 9.31 -10.02
CA ILE B 250 -8.90 8.85 -8.79
C ILE B 250 -10.19 9.63 -8.55
N GLN B 251 -10.10 10.95 -8.59
CA GLN B 251 -11.24 11.79 -8.29
CA GLN B 251 -11.24 11.80 -8.29
C GLN B 251 -12.34 11.66 -9.34
N LYS B 252 -11.95 11.46 -10.58
CA LYS B 252 -12.90 11.28 -11.67
C LYS B 252 -13.72 10.02 -11.46
N VAL B 253 -13.05 8.93 -11.09
CA VAL B 253 -13.72 7.65 -10.82
C VAL B 253 -14.68 7.76 -9.62
N ILE B 254 -14.20 8.33 -8.53
CA ILE B 254 -15.02 8.46 -7.35
C ILE B 254 -16.19 9.41 -7.59
N ASP B 255 -15.95 10.50 -8.32
CA ASP B 255 -17.01 11.46 -8.63
C ASP B 255 -18.12 10.86 -9.50
N GLN B 256 -17.74 10.05 -10.47
CA GLN B 256 -18.69 9.47 -11.42
C GLN B 256 -19.42 8.24 -10.86
N PHE B 257 -18.71 7.42 -10.08
CA PHE B 257 -19.26 6.15 -9.64
C PHE B 257 -19.59 6.08 -8.15
N GLY B 258 -19.22 7.13 -7.43
CA GLY B 258 -19.51 7.21 -6.00
C GLY B 258 -20.95 7.61 -5.74
N ASP C 3 -2.65 -23.06 4.67
CA ASP C 3 -1.85 -22.01 5.30
C ASP C 3 -2.74 -20.98 6.01
N PHE C 4 -3.82 -20.58 5.36
CA PHE C 4 -4.74 -19.60 5.93
C PHE C 4 -5.87 -20.25 6.72
N GLU C 5 -6.26 -19.62 7.83
CA GLU C 5 -7.43 -20.07 8.58
C GLU C 5 -8.68 -19.80 7.76
N GLU C 6 -9.64 -20.73 7.81
CA GLU C 6 -10.86 -20.59 7.03
C GLU C 6 -11.69 -19.40 7.52
N ILE C 7 -12.26 -18.65 6.58
CA ILE C 7 -13.11 -17.53 6.94
C ILE C 7 -14.56 -17.96 7.00
N PRO C 8 -15.40 -17.22 7.75
CA PRO C 8 -16.81 -17.60 7.86
C PRO C 8 -17.44 -17.74 6.48
N GLU C 9 -18.31 -18.75 6.32
CA GLU C 9 -18.87 -19.09 5.01
C GLU C 9 -19.69 -17.95 4.41
N GLU C 10 -20.23 -17.09 5.26
CA GLU C 10 -21.04 -15.97 4.80
C GLU C 10 -20.33 -15.11 3.76
N TYS C 11 -19.01 -14.94 3.91
CA TYS C 11 -18.26 -14.09 2.99
CB TYS C 11 -16.96 -13.63 3.65
CG TYS C 11 -17.18 -12.95 4.92
CD1 TYS C 11 -17.78 -11.73 4.95
CD2 TYS C 11 -16.79 -13.58 6.14
CE1 TYS C 11 -18.02 -11.07 6.21
CE2 TYS C 11 -17.01 -12.95 7.37
CZ TYS C 11 -17.62 -11.69 7.40
OH TYS C 11 -17.84 -11.06 8.65
S TYS C 11 -16.87 -10.08 9.18
O1 TYS C 11 -16.93 -8.83 8.32
O2 TYS C 11 -17.25 -9.76 10.51
O3 TYS C 11 -15.50 -10.62 9.20
C TYS C 11 -17.95 -14.76 1.68
O TYS C 11 -17.52 -14.08 0.72
N LEU C 12 -18.16 -16.07 1.62
CA LEU C 12 -17.86 -16.82 0.41
C LEU C 12 -19.14 -17.13 -0.36
N GLN C 13 -20.29 -16.79 0.25
CA GLN C 13 -21.58 -16.99 -0.39
C GLN C 13 -21.83 -15.92 -1.44
C1 NAG D . -10.02 -9.36 -18.66
C2 NAG D . -9.95 -9.30 -20.18
C3 NAG D . -11.00 -8.44 -20.75
C4 NAG D . -12.30 -8.87 -20.30
C5 NAG D . -12.37 -8.85 -18.81
C6 NAG D . -13.68 -9.31 -18.36
C7 NAG D . -8.01 -7.56 -20.48
C8 NAG D . -8.72 -6.45 -19.79
N2 NAG D . -8.62 -8.91 -20.64
O3 NAG D . -10.96 -8.45 -22.18
O4 NAG D . -13.35 -8.11 -20.89
O5 NAG D . -11.30 -9.71 -18.21
O6 NAG D . -13.89 -10.68 -18.30
O7 NAG D . -6.89 -7.36 -20.91
C7 S28 E . 11.41 -5.36 -14.29
S8 S28 E . 11.36 -6.76 -13.38
C6 S28 E . 10.03 -5.03 -14.84
C1 S28 E . 9.29 -3.99 -14.28
C2 S28 E . 8.03 -3.69 -14.76
C3 S28 E . 7.48 -4.43 -15.80
C4 S28 E . 8.22 -5.46 -16.37
C5 S28 E . 9.49 -5.77 -15.89
O13 S28 E . 11.07 -7.92 -14.17
O14 S28 E . 12.61 -6.93 -12.69
N9 S28 E . 10.20 -6.60 -12.27
C10 S28 E . 8.92 -7.21 -12.53
C11 S28 E . 7.93 -6.80 -11.48
O15 S28 E . 8.32 -6.32 -10.42
N12 S28 E . 6.64 -7.00 -11.78
C16 S28 E . 5.59 -6.65 -10.84
C17 S28 E . 5.85 -7.31 -9.52
O18 S28 E . 6.27 -8.48 -9.48
C21 S28 E . 4.31 -7.19 -11.44
C22 S28 E . 4.62 -7.50 -12.89
C23 S28 E . 6.13 -7.56 -13.03
N19 S28 E . 5.63 -6.60 -8.42
C20 S28 E . 5.82 -7.09 -7.06
C24 S28 E . 7.02 -6.41 -6.45
C31 S28 E . 8.31 -6.92 -6.64
C29 S28 E . 9.41 -6.28 -6.07
C28 S28 E . 9.22 -5.13 -5.30
C26 S28 E . 10.40 -4.42 -4.69
N30 S28 E . 10.25 -3.28 -4.19
N32 S28 E . 11.54 -4.96 -4.67
C27 S28 E . 7.95 -4.63 -5.11
C25 S28 E . 6.85 -5.27 -5.68
P PO4 F . 2.92 4.83 -21.97
O1 PO4 F . 1.52 4.31 -21.82
O2 PO4 F . 2.88 6.34 -22.11
O3 PO4 F . 3.57 4.22 -23.20
O4 PO4 F . 3.72 4.41 -20.76
C1 GOL G . 2.95 -10.12 -7.90
O1 GOL G . 2.02 -10.44 -8.86
C2 GOL G . 2.42 -9.62 -6.60
O2 GOL G . 3.36 -9.26 -5.66
C3 GOL G . 1.25 -10.37 -6.07
O3 GOL G . 0.94 -10.18 -4.74
C1 GOL H . 11.03 -9.80 -7.56
O1 GOL H . 10.53 -8.93 -8.51
C2 GOL H . 10.11 -10.86 -7.03
O2 GOL H . 9.28 -10.40 -6.02
C3 GOL H . 10.77 -12.17 -6.75
O3 GOL H . 10.74 -12.63 -5.44
C1 GOL I . 12.52 12.37 -6.89
O1 GOL I . 13.15 12.74 -5.72
C2 GOL I . 11.53 11.25 -6.84
O2 GOL I . 10.24 11.64 -7.12
C3 GOL I . 11.98 10.03 -7.57
O3 GOL I . 12.16 8.88 -6.82
NA NA J . 18.68 3.21 -16.86
NA NA K . 18.44 -1.99 -2.61
#